data_5X3P
#
_entry.id   5X3P
#
_cell.length_a   32.067
_cell.length_b   78.038
_cell.length_c   44.963
_cell.angle_alpha   90.00
_cell.angle_beta   102.67
_cell.angle_gamma   90.00
#
_symmetry.space_group_name_H-M   'P 1 21 1'
#
loop_
_entity.id
_entity.type
_entity.pdbx_description
1 polymer 'UBX domain-containing protein 7'
2 water water
#
_entity_poly.entity_id   1
_entity_poly.type   'polypeptide(L)'
_entity_poly.pdbx_seq_one_letter_code
;GGSGPKAQL(MSE)LRYPDGKREQITLPEQAKLLALVKHVQSKGYPNERFELLTNFPRRKLSHLDYDIT(MSE)QEAGLC
PQETVFVQERN
;
_entity_poly.pdbx_strand_id   A,B,C
#
# COMPACT_ATOMS: atom_id res chain seq x y z
N GLY A 4 -10.83 -3.79 -11.14
CA GLY A 4 -10.90 -2.63 -10.26
C GLY A 4 -10.05 -2.78 -9.00
N PRO A 5 -10.34 -1.97 -7.97
CA PRO A 5 -9.53 -1.94 -6.74
C PRO A 5 -9.62 -3.25 -5.94
N LYS A 6 -8.48 -3.70 -5.40
CA LYS A 6 -8.38 -4.95 -4.64
C LYS A 6 -7.67 -4.77 -3.30
N ALA A 7 -7.83 -5.76 -2.42
CA ALA A 7 -7.07 -5.87 -1.18
C ALA A 7 -6.10 -7.01 -1.39
N GLN A 8 -4.84 -6.69 -1.62
CA GLN A 8 -3.81 -7.69 -1.81
C GLN A 8 -3.24 -7.95 -0.45
N LEU A 9 -3.46 -9.14 0.06
CA LEU A 9 -3.14 -9.43 1.44
C LEU A 9 -1.95 -10.37 1.56
N MSE A 10 -1.01 -10.01 2.46
CA MSE A 10 -0.05 -10.96 2.99
C MSE A 10 -0.56 -11.46 4.34
O MSE A 10 -0.78 -10.66 5.26
CB MSE A 10 1.32 -10.30 3.17
CG MSE A 10 2.27 -11.12 4.09
SE MSE A 10 2.84 -12.80 3.24
CE MSE A 10 4.09 -11.97 2.04
N LEU A 11 -0.76 -12.77 4.48
CA LEU A 11 -1.19 -13.36 5.74
C LEU A 11 0.00 -13.99 6.45
N ARG A 12 0.20 -13.61 7.71
CA ARG A 12 1.35 -14.09 8.47
C ARG A 12 0.82 -14.94 9.63
N TYR A 13 0.93 -16.25 9.50
CA TYR A 13 0.41 -17.18 10.52
C TYR A 13 1.42 -17.35 11.64
N PRO A 14 0.95 -17.66 12.87
CA PRO A 14 1.92 -17.53 13.95
C PRO A 14 2.95 -18.66 14.00
N ASP A 15 2.78 -19.71 13.20
CA ASP A 15 3.79 -20.76 13.11
C ASP A 15 4.92 -20.35 12.14
N GLY A 16 4.72 -19.22 11.44
CA GLY A 16 5.71 -18.70 10.51
C GLY A 16 5.35 -18.95 9.05
N LYS A 17 4.25 -19.64 8.82
CA LYS A 17 3.72 -19.82 7.47
C LYS A 17 3.21 -18.49 6.90
N ARG A 18 3.37 -18.32 5.59
CA ARG A 18 2.92 -17.11 4.91
C ARG A 18 2.06 -17.50 3.73
N GLU A 19 1.06 -16.67 3.43
CA GLU A 19 0.16 -16.95 2.33
C GLU A 19 -0.26 -15.64 1.70
N GLN A 20 -0.32 -15.58 0.38
CA GLN A 20 -0.79 -14.34 -0.27
C GLN A 20 -2.09 -14.59 -1.00
N ILE A 21 -3.07 -13.74 -0.74
CA ILE A 21 -4.36 -13.85 -1.42
C ILE A 21 -4.81 -12.47 -1.85
N THR A 22 -5.72 -12.39 -2.84
CA THR A 22 -6.30 -11.11 -3.21
C THR A 22 -7.81 -11.17 -3.07
N LEU A 23 -8.41 -10.18 -2.42
CA LEU A 23 -9.87 -10.09 -2.36
C LEU A 23 -10.34 -8.79 -3.00
N PRO A 24 -11.48 -8.84 -3.71
CA PRO A 24 -12.02 -7.58 -4.27
C PRO A 24 -12.30 -6.61 -3.13
N GLU A 25 -12.20 -5.31 -3.39
CA GLU A 25 -12.35 -4.31 -2.34
C GLU A 25 -13.75 -4.38 -1.72
N GLN A 26 -14.72 -4.85 -2.51
CA GLN A 26 -16.11 -4.96 -2.05
C GLN A 26 -16.37 -6.27 -1.29
N ALA A 27 -15.37 -7.15 -1.21
CA ALA A 27 -15.51 -8.34 -0.40
C ALA A 27 -15.68 -7.93 1.05
N LYS A 28 -16.46 -8.71 1.80
CA LYS A 28 -16.68 -8.42 3.21
C LYS A 28 -15.54 -8.97 4.04
N LEU A 29 -15.23 -8.33 5.17
CA LEU A 29 -14.21 -8.84 6.09
C LEU A 29 -14.42 -10.34 6.38
N LEU A 30 -15.69 -10.77 6.48
CA LEU A 30 -16.00 -12.16 6.79
C LEU A 30 -15.29 -13.15 5.87
N ALA A 31 -15.13 -12.77 4.61
CA ALA A 31 -14.43 -13.62 3.65
C ALA A 31 -13.01 -13.93 4.09
N LEU A 32 -12.34 -12.90 4.59
CA LEU A 32 -10.98 -13.05 5.11
C LEU A 32 -10.96 -13.89 6.40
N VAL A 33 -11.91 -13.61 7.30
CA VAL A 33 -12.04 -14.36 8.54
C VAL A 33 -12.28 -15.83 8.24
N LYS A 34 -13.17 -16.12 7.29
CA LYS A 34 -13.47 -17.50 6.92
C LYS A 34 -12.29 -18.17 6.22
N HIS A 35 -11.56 -17.42 5.41
CA HIS A 35 -10.38 -17.99 4.78
C HIS A 35 -9.36 -18.44 5.80
N VAL A 36 -9.12 -17.60 6.81
CA VAL A 36 -8.14 -17.94 7.85
C VAL A 36 -8.64 -19.12 8.70
N GLN A 37 -9.95 -19.18 8.91
CA GLN A 37 -10.59 -20.29 9.61
C GLN A 37 -10.39 -21.61 8.87
N SER A 38 -10.53 -21.59 7.55
CA SER A 38 -10.32 -22.81 6.76
C SER A 38 -8.86 -23.26 6.80
N LYS A 39 -7.96 -22.35 7.15
CA LYS A 39 -6.52 -22.68 7.23
C LYS A 39 -6.16 -23.17 8.63
N GLY A 40 -7.17 -23.38 9.45
CA GLY A 40 -6.98 -23.96 10.77
C GLY A 40 -6.91 -22.95 11.90
N TYR A 41 -7.36 -21.72 11.66
CA TYR A 41 -7.35 -20.70 12.70
C TYR A 41 -8.74 -20.13 12.97
N PRO A 42 -9.52 -20.83 13.80
CA PRO A 42 -10.91 -20.44 14.03
C PRO A 42 -11.02 -19.11 14.74
N ASN A 43 -12.01 -18.30 14.35
CA ASN A 43 -12.21 -16.96 14.90
C ASN A 43 -12.38 -16.93 16.43
N GLU A 44 -12.96 -17.98 16.99
CA GLU A 44 -13.14 -18.07 18.44
C GLU A 44 -11.83 -18.06 19.21
N ARG A 45 -10.73 -18.42 18.54
CA ARG A 45 -9.42 -18.53 19.20
C ARG A 45 -8.38 -17.54 18.63
N PHE A 46 -8.59 -17.11 17.39
CA PHE A 46 -7.63 -16.22 16.70
C PHE A 46 -8.29 -14.94 16.18
N GLU A 47 -7.51 -13.86 16.08
CA GLU A 47 -8.02 -12.59 15.57
C GLU A 47 -7.03 -12.09 14.53
N LEU A 48 -7.43 -11.11 13.73
CA LEU A 48 -6.56 -10.62 12.68
C LEU A 48 -6.14 -9.20 13.04
N LEU A 49 -4.88 -8.88 12.81
CA LEU A 49 -4.36 -7.53 13.04
C LEU A 49 -3.60 -7.12 11.80
N THR A 50 -3.85 -5.91 11.29
CA THR A 50 -3.06 -5.44 10.15
C THR A 50 -1.82 -4.76 10.68
N ASN A 51 -0.73 -4.80 9.92
CA ASN A 51 0.53 -4.20 10.38
C ASN A 51 0.55 -2.67 10.35
N PHE A 52 0.42 -2.11 9.15
CA PHE A 52 0.37 -0.66 8.97
C PHE A 52 -0.58 -0.32 7.83
N PRO A 53 -1.63 0.49 8.11
CA PRO A 53 -2.03 0.96 9.44
C PRO A 53 -2.38 -0.17 10.41
N ARG A 54 -2.23 0.08 11.70
CA ARG A 54 -2.50 -0.94 12.70
C ARG A 54 -3.99 -0.95 13.02
N ARG A 55 -4.61 -2.11 12.87
CA ARG A 55 -6.03 -2.24 13.07
C ARG A 55 -6.30 -3.59 13.71
N LYS A 56 -7.18 -3.63 14.70
CA LYS A 56 -7.66 -4.90 15.20
C LYS A 56 -8.94 -5.18 14.42
N LEU A 57 -8.86 -6.08 13.45
CA LEU A 57 -10.00 -6.33 12.58
C LEU A 57 -11.12 -7.03 13.34
N SER A 58 -10.77 -7.66 14.45
CA SER A 58 -11.79 -8.31 15.26
C SER A 58 -12.65 -7.24 15.93
N HIS A 59 -12.15 -6.00 16.00
CA HIS A 59 -12.95 -4.91 16.57
C HIS A 59 -13.99 -4.36 15.58
N LEU A 60 -13.91 -4.82 14.34
CA LEU A 60 -14.86 -4.38 13.31
C LEU A 60 -15.92 -5.44 13.06
N ASP A 61 -17.10 -5.00 12.64
CA ASP A 61 -18.16 -5.92 12.24
C ASP A 61 -17.74 -6.67 10.97
N TYR A 62 -17.84 -8.00 11.00
CA TYR A 62 -17.34 -8.80 9.88
C TYR A 62 -18.19 -8.61 8.60
N ASP A 63 -19.37 -7.99 8.75
CA ASP A 63 -20.27 -7.81 7.62
C ASP A 63 -19.91 -6.60 6.73
N ILE A 64 -18.96 -5.76 7.17
CA ILE A 64 -18.55 -4.62 6.34
C ILE A 64 -17.50 -5.04 5.32
N THR A 65 -17.32 -4.24 4.28
CA THR A 65 -16.42 -4.59 3.19
C THR A 65 -15.04 -4.11 3.52
N MSE A 66 -14.06 -4.60 2.76
CA MSE A 66 -12.67 -4.17 2.89
C MSE A 66 -12.57 -2.66 2.76
O MSE A 66 -11.82 -1.99 3.50
CB MSE A 66 -11.80 -4.80 1.80
CG MSE A 66 -12.09 -6.25 1.55
SE MSE A 66 -11.32 -7.39 2.92
CE MSE A 66 -12.35 -8.97 2.50
N GLN A 67 -13.32 -2.10 1.80
CA GLN A 67 -13.33 -0.66 1.58
C GLN A 67 -13.96 0.06 2.76
N GLU A 68 -15.08 -0.46 3.27
CA GLU A 68 -15.71 0.14 4.45
C GLU A 68 -14.80 0.04 5.69
N ALA A 69 -14.02 -1.04 5.75
CA ALA A 69 -13.07 -1.23 6.87
C ALA A 69 -11.89 -0.27 6.76
N GLY A 70 -11.72 0.34 5.59
CA GLY A 70 -10.62 1.27 5.36
C GLY A 70 -9.29 0.62 5.06
N LEU A 71 -9.30 -0.63 4.59
CA LEU A 71 -8.04 -1.31 4.25
C LEU A 71 -7.36 -0.61 3.09
N CYS A 72 -6.03 -0.71 3.06
CA CYS A 72 -5.23 -0.13 1.97
C CYS A 72 -5.16 -1.10 0.80
N PRO A 73 -4.63 -0.67 -0.36
CA PRO A 73 -4.55 -1.59 -1.50
C PRO A 73 -3.72 -2.84 -1.19
N GLN A 74 -2.74 -2.69 -0.30
CA GLN A 74 -1.95 -3.83 0.12
C GLN A 74 -1.87 -3.83 1.63
N GLU A 75 -2.03 -5.01 2.24
CA GLU A 75 -2.00 -5.14 3.70
C GLU A 75 -1.25 -6.37 4.11
N THR A 76 -0.60 -6.29 5.27
CA THR A 76 -0.04 -7.45 5.91
C THR A 76 -0.90 -7.77 7.13
N VAL A 77 -1.44 -8.99 7.19
CA VAL A 77 -2.37 -9.35 8.25
C VAL A 77 -1.74 -10.43 9.12
N PHE A 78 -1.56 -10.12 10.41
CA PHE A 78 -1.07 -11.10 11.36
C PHE A 78 -2.22 -11.88 11.98
N VAL A 79 -2.12 -13.20 11.95
CA VAL A 79 -3.08 -14.03 12.65
C VAL A 79 -2.52 -14.27 14.07
N GLN A 80 -3.24 -13.77 15.08
CA GLN A 80 -2.78 -13.86 16.47
C GLN A 80 -3.76 -14.67 17.28
N GLU A 81 -3.27 -15.33 18.32
CA GLU A 81 -4.13 -16.03 19.26
C GLU A 81 -4.76 -14.97 20.17
N ARG A 82 -6.07 -15.09 20.43
CA ARG A 82 -6.74 -14.11 21.31
C ARG A 82 -6.20 -14.17 22.74
N ASN A 83 -6.40 -13.08 23.48
CA ASN A 83 -5.77 -12.90 24.78
C ASN A 83 -6.81 -12.53 25.83
N GLY B 4 1.76 -20.27 -2.95
CA GLY B 4 3.17 -20.04 -2.73
C GLY B 4 3.52 -18.56 -2.75
N PRO B 5 4.82 -18.22 -2.70
CA PRO B 5 5.23 -16.81 -2.68
C PRO B 5 4.83 -16.10 -4.00
N LYS B 6 4.42 -14.85 -3.89
CA LYS B 6 3.92 -14.08 -5.03
C LYS B 6 4.49 -12.69 -5.00
N ALA B 7 4.51 -12.06 -6.17
CA ALA B 7 4.76 -10.63 -6.30
C ALA B 7 3.37 -10.02 -6.45
N GLN B 8 2.84 -9.40 -5.39
CA GLN B 8 1.58 -8.68 -5.48
C GLN B 8 1.93 -7.26 -5.85
N LEU B 9 1.46 -6.80 -7.01
CA LEU B 9 1.95 -5.51 -7.51
C LEU B 9 0.81 -4.50 -7.60
N MSE B 10 1.09 -3.26 -7.22
CA MSE B 10 0.20 -2.15 -7.56
C MSE B 10 0.91 -1.38 -8.67
O MSE B 10 2.08 -0.98 -8.52
CB MSE B 10 -0.05 -1.23 -6.36
CG MSE B 10 -0.50 0.19 -6.74
SE MSE B 10 -2.27 0.23 -7.61
CE MSE B 10 -3.39 0.08 -5.99
N LEU B 11 0.21 -1.18 -9.79
CA LEU B 11 0.76 -0.48 -10.95
C LEU B 11 0.13 0.90 -11.04
N ARG B 12 0.98 1.92 -11.08
CA ARG B 12 0.53 3.30 -11.14
C ARG B 12 0.90 3.84 -12.49
N TYR B 13 -0.10 3.99 -13.35
CA TYR B 13 0.12 4.53 -14.68
C TYR B 13 0.15 6.04 -14.65
N PRO B 14 0.87 6.68 -15.60
CA PRO B 14 1.08 8.12 -15.54
C PRO B 14 -0.17 8.95 -15.83
N ASP B 15 -1.24 8.31 -16.28
CA ASP B 15 -2.49 9.03 -16.55
C ASP B 15 -3.39 8.99 -15.31
N GLY B 16 -2.94 8.32 -14.25
CA GLY B 16 -3.70 8.25 -13.02
C GLY B 16 -4.43 6.92 -12.85
N LYS B 17 -4.41 6.09 -13.89
CA LYS B 17 -4.95 4.75 -13.76
C LYS B 17 -4.16 3.92 -12.75
N ARG B 18 -4.85 3.02 -12.08
CA ARG B 18 -4.24 2.17 -11.06
C ARG B 18 -4.68 0.75 -11.38
N GLU B 19 -3.79 -0.21 -11.22
CA GLU B 19 -4.16 -1.60 -11.50
C GLU B 19 -3.32 -2.51 -10.60
N GLN B 20 -3.99 -3.50 -10.01
CA GLN B 20 -3.33 -4.44 -9.13
C GLN B 20 -3.32 -5.82 -9.79
N ILE B 21 -2.14 -6.45 -9.83
CA ILE B 21 -1.99 -7.78 -10.42
C ILE B 21 -1.10 -8.59 -9.50
N THR B 22 -1.13 -9.91 -9.63
CA THR B 22 -0.23 -10.79 -8.88
C THR B 22 0.49 -11.63 -9.90
N LEU B 23 1.80 -11.78 -9.72
CA LEU B 23 2.55 -12.73 -10.53
C LEU B 23 3.24 -13.68 -9.56
N PRO B 24 3.47 -14.92 -9.98
CA PRO B 24 4.21 -15.85 -9.11
C PRO B 24 5.64 -15.40 -8.89
N GLU B 25 6.23 -15.83 -7.77
CA GLU B 25 7.56 -15.40 -7.37
C GLU B 25 8.57 -15.67 -8.48
N GLN B 26 8.35 -16.76 -9.21
CA GLN B 26 9.32 -17.22 -10.20
C GLN B 26 8.99 -16.72 -11.60
N ALA B 27 7.96 -15.88 -11.74
CA ALA B 27 7.69 -15.25 -13.05
C ALA B 27 8.86 -14.34 -13.38
N LYS B 28 9.10 -14.11 -14.67
CA LYS B 28 10.17 -13.23 -15.08
C LYS B 28 9.76 -11.78 -15.06
N LEU B 29 10.76 -10.91 -14.93
CA LEU B 29 10.55 -9.47 -15.06
C LEU B 29 9.87 -9.18 -16.39
N LEU B 30 10.20 -9.98 -17.41
CA LEU B 30 9.56 -9.90 -18.73
C LEU B 30 8.04 -9.88 -18.68
N ALA B 31 7.46 -10.67 -17.79
CA ALA B 31 6.00 -10.74 -17.70
C ALA B 31 5.41 -9.39 -17.28
N LEU B 32 6.08 -8.71 -16.36
CA LEU B 32 5.62 -7.38 -15.92
C LEU B 32 5.81 -6.36 -17.04
N VAL B 33 6.95 -6.43 -17.72
CA VAL B 33 7.26 -5.48 -18.81
C VAL B 33 6.25 -5.63 -19.92
N LYS B 34 5.91 -6.87 -20.23
CA LYS B 34 4.95 -7.14 -21.30
C LYS B 34 3.56 -6.71 -20.90
N HIS B 35 3.24 -6.86 -19.63
CA HIS B 35 1.91 -6.45 -19.14
C HIS B 35 1.68 -4.96 -19.36
N VAL B 36 2.64 -4.17 -18.91
CA VAL B 36 2.56 -2.71 -19.03
C VAL B 36 2.60 -2.29 -20.49
N GLN B 37 3.46 -2.94 -21.24
CA GLN B 37 3.57 -2.70 -22.68
C GLN B 37 2.23 -2.89 -23.37
N SER B 38 1.57 -4.02 -23.07
CA SER B 38 0.29 -4.31 -23.73
C SER B 38 -0.82 -3.31 -23.37
N LYS B 39 -0.70 -2.66 -22.21
CA LYS B 39 -1.62 -1.57 -21.83
C LYS B 39 -1.33 -0.29 -22.61
N GLY B 40 -0.29 -0.32 -23.42
CA GLY B 40 -0.01 0.82 -24.29
C GLY B 40 1.09 1.73 -23.75
N TYR B 41 1.98 1.16 -22.96
CA TYR B 41 3.14 1.90 -22.47
C TYR B 41 4.36 1.12 -22.89
N PRO B 42 4.76 1.30 -24.16
CA PRO B 42 5.81 0.48 -24.78
C PRO B 42 7.14 0.77 -24.13
N ASN B 43 7.93 -0.29 -23.90
CA ASN B 43 9.23 -0.15 -23.25
C ASN B 43 10.11 0.88 -23.96
N GLU B 44 9.78 1.17 -25.21
CA GLU B 44 10.48 2.18 -25.98
C GLU B 44 10.29 3.59 -25.40
N ARG B 45 9.10 3.86 -24.86
CA ARG B 45 8.74 5.22 -24.45
C ARG B 45 8.51 5.36 -22.94
N PHE B 46 8.30 4.24 -22.25
CA PHE B 46 8.04 4.28 -20.81
C PHE B 46 8.94 3.31 -20.05
N GLU B 47 9.23 3.63 -18.79
CA GLU B 47 10.08 2.79 -17.94
C GLU B 47 9.40 2.52 -16.59
N LEU B 48 9.91 1.55 -15.85
CA LEU B 48 9.27 1.10 -14.61
C LEU B 48 10.16 1.44 -13.44
N LEU B 49 9.59 2.05 -12.40
CA LEU B 49 10.34 2.48 -11.22
C LEU B 49 9.64 2.02 -9.95
N THR B 50 10.41 1.68 -8.91
CA THR B 50 9.86 1.56 -7.56
C THR B 50 10.42 2.72 -6.74
N ASN B 51 9.80 2.99 -5.60
CA ASN B 51 10.29 3.98 -4.65
C ASN B 51 10.62 3.36 -3.29
N PHE B 52 11.22 4.17 -2.41
CA PHE B 52 11.67 3.70 -1.10
C PHE B 52 12.53 2.41 -1.15
N PRO B 53 13.72 2.51 -1.77
CA PRO B 53 14.25 3.72 -2.43
C PRO B 53 13.96 3.72 -3.93
N ARG B 54 14.24 4.84 -4.59
CA ARG B 54 14.14 4.92 -6.04
C ARG B 54 14.98 3.84 -6.75
N ARG B 55 14.35 3.07 -7.63
CA ARG B 55 15.05 2.04 -8.38
C ARG B 55 14.48 1.97 -9.79
N LYS B 56 15.34 1.97 -10.80
CA LYS B 56 14.87 1.76 -12.16
C LYS B 56 14.80 0.26 -12.40
N LEU B 57 13.71 -0.22 -13.00
CA LEU B 57 13.60 -1.65 -13.27
C LEU B 57 13.99 -1.96 -14.73
N SER B 58 13.78 -1.00 -15.61
CA SER B 58 13.73 -1.25 -17.04
C SER B 58 15.06 -1.53 -17.73
N HIS B 59 16.14 -1.37 -16.99
CA HIS B 59 17.48 -1.65 -17.51
C HIS B 59 17.94 -3.04 -17.03
N LEU B 60 17.24 -3.60 -16.04
CA LEU B 60 17.55 -4.94 -15.55
C LEU B 60 17.31 -5.95 -16.66
N ASP B 61 17.99 -7.10 -16.60
CA ASP B 61 17.73 -8.14 -17.60
C ASP B 61 16.31 -8.71 -17.37
N TYR B 62 15.49 -8.70 -18.41
CA TYR B 62 14.09 -9.10 -18.28
C TYR B 62 13.94 -10.58 -17.97
N ASP B 63 15.03 -11.32 -18.08
CA ASP B 63 14.96 -12.75 -17.82
C ASP B 63 15.11 -13.13 -16.35
N ILE B 64 15.41 -12.15 -15.50
CA ILE B 64 15.52 -12.45 -14.06
C ILE B 64 14.13 -12.60 -13.46
N THR B 65 14.03 -13.32 -12.35
CA THR B 65 12.72 -13.53 -11.72
C THR B 65 12.33 -12.32 -10.87
N MSE B 66 11.07 -12.31 -10.45
CA MSE B 66 10.53 -11.26 -9.57
C MSE B 66 11.40 -11.14 -8.32
O MSE B 66 11.64 -10.05 -7.81
CB MSE B 66 9.11 -11.60 -9.12
CG MSE B 66 8.03 -11.62 -10.19
SE MSE B 66 7.62 -9.81 -10.84
CE MSE B 66 8.58 -10.03 -12.40
N GLN B 67 11.87 -12.28 -7.85
CA GLN B 67 12.70 -12.33 -6.65
C GLN B 67 14.09 -11.76 -6.94
N GLU B 68 14.70 -12.24 -8.02
CA GLU B 68 16.03 -11.78 -8.41
C GLU B 68 16.06 -10.27 -8.63
N ALA B 69 14.88 -9.70 -8.87
CA ALA B 69 14.75 -8.26 -9.09
C ALA B 69 14.34 -7.53 -7.82
N GLY B 70 14.06 -8.29 -6.77
CA GLY B 70 13.66 -7.73 -5.50
C GLY B 70 12.31 -7.04 -5.57
N LEU B 71 11.28 -7.79 -5.96
CA LEU B 71 9.93 -7.25 -6.08
C LEU B 71 8.95 -8.05 -5.24
N CYS B 72 9.45 -9.06 -4.53
CA CYS B 72 8.62 -9.91 -3.68
C CYS B 72 8.61 -9.40 -2.22
N PRO B 73 7.41 -9.44 -1.47
CA PRO B 73 6.23 -9.98 -2.16
C PRO B 73 5.29 -8.86 -2.62
N GLN B 74 5.25 -7.77 -1.88
CA GLN B 74 4.40 -6.63 -2.24
C GLN B 74 5.22 -5.46 -2.75
N GLU B 75 4.81 -4.91 -3.89
CA GLU B 75 5.51 -3.77 -4.49
C GLU B 75 4.54 -2.86 -5.19
N THR B 76 4.96 -1.61 -5.36
CA THR B 76 4.23 -0.62 -6.11
C THR B 76 5.17 -0.17 -7.21
N VAL B 77 4.75 -0.32 -8.45
CA VAL B 77 5.60 -0.03 -9.59
C VAL B 77 5.03 1.16 -10.30
N PHE B 78 5.85 2.19 -10.51
CA PHE B 78 5.39 3.36 -11.25
C PHE B 78 5.81 3.28 -12.71
N VAL B 79 4.88 3.56 -13.61
CA VAL B 79 5.18 3.63 -15.03
C VAL B 79 5.36 5.12 -15.39
N GLN B 80 6.56 5.49 -15.84
CA GLN B 80 6.88 6.90 -16.05
C GLN B 80 7.43 7.09 -17.45
N GLU B 81 7.05 8.16 -18.15
CA GLU B 81 7.60 8.31 -19.50
C GLU B 81 9.08 8.68 -19.48
N ARG B 82 9.79 8.23 -20.52
CA ARG B 82 11.24 8.31 -20.60
C ARG B 82 11.72 9.75 -20.79
N PRO C 5 11.20 0.39 11.90
CA PRO C 5 10.03 0.23 11.05
C PRO C 5 9.49 1.60 10.63
N LYS C 6 9.24 1.77 9.33
CA LYS C 6 9.04 3.10 8.78
C LYS C 6 7.91 3.23 7.74
N ALA C 7 7.09 4.28 7.88
CA ALA C 7 5.96 4.56 6.98
C ALA C 7 6.34 5.48 5.80
N GLN C 8 5.90 5.11 4.60
CA GLN C 8 6.36 5.74 3.37
C GLN C 8 5.30 6.62 2.72
N LEU C 9 5.56 7.93 2.68
CA LEU C 9 4.60 8.87 2.12
C LEU C 9 5.17 9.52 0.88
N MSE C 10 4.27 9.90 -0.02
CA MSE C 10 4.63 10.74 -1.14
C MSE C 10 3.87 12.04 -1.00
O MSE C 10 2.65 12.05 -0.84
CB MSE C 10 4.35 10.00 -2.45
CG MSE C 10 5.17 8.69 -2.49
SE MSE C 10 4.91 7.52 -4.01
CE MSE C 10 5.03 8.86 -5.42
N LEU C 11 4.59 13.15 -1.02
CA LEU C 11 3.97 14.45 -0.84
C LEU C 11 3.93 15.18 -2.19
N ARG C 12 2.79 15.78 -2.49
CA ARG C 12 2.69 16.63 -3.65
C ARG C 12 2.41 18.04 -3.15
N TYR C 13 3.36 18.95 -3.37
CA TYR C 13 3.25 20.33 -2.91
C TYR C 13 2.38 21.14 -3.90
N PRO C 14 1.90 22.32 -3.54
CA PRO C 14 0.95 23.05 -4.38
C PRO C 14 1.52 23.38 -5.75
N ASP C 15 2.83 23.46 -5.86
CA ASP C 15 3.47 23.70 -7.15
C ASP C 15 3.73 22.46 -7.98
N GLY C 16 3.33 21.32 -7.48
CA GLY C 16 3.51 20.08 -8.21
C GLY C 16 4.74 19.30 -7.83
N LYS C 17 5.66 19.94 -7.14
CA LYS C 17 6.87 19.31 -6.67
C LYS C 17 6.57 18.11 -5.80
N ARG C 18 7.30 17.06 -6.00
CA ARG C 18 7.06 15.79 -5.31
C ARG C 18 8.21 15.39 -4.37
N GLU C 19 7.92 14.92 -3.19
CA GLU C 19 8.91 14.55 -2.18
C GLU C 19 8.50 13.23 -1.55
N GLN C 20 9.38 12.23 -1.61
CA GLN C 20 9.17 11.01 -0.85
C GLN C 20 9.75 11.25 0.53
N ILE C 21 8.98 10.94 1.57
CA ILE C 21 9.53 10.95 2.92
C ILE C 21 9.11 9.68 3.65
N THR C 22 9.80 9.41 4.75
CA THR C 22 9.54 8.26 5.57
C THR C 22 9.55 8.70 7.03
N LEU C 23 8.58 8.25 7.81
CA LEU C 23 8.47 8.63 9.21
C LEU C 23 8.28 7.33 9.98
N PRO C 24 8.70 7.31 11.27
CA PRO C 24 8.48 6.12 12.12
C PRO C 24 6.99 5.77 12.17
N GLU C 25 6.66 4.48 12.33
CA GLU C 25 5.26 4.05 12.33
C GLU C 25 4.48 4.64 13.50
N GLN C 26 5.19 4.87 14.61
CA GLN C 26 4.55 5.40 15.82
C GLN C 26 4.71 6.92 16.02
N ALA C 27 5.19 7.62 14.98
CA ALA C 27 5.32 9.07 15.04
C ALA C 27 3.94 9.74 14.92
N LYS C 28 3.77 10.91 15.52
CA LYS C 28 2.49 11.60 15.46
C LYS C 28 2.24 12.17 14.06
N LEU C 29 0.98 12.38 13.72
CA LEU C 29 0.62 13.08 12.50
C LEU C 29 1.22 14.49 12.52
N LEU C 30 1.43 15.00 13.73
CA LEU C 30 2.05 16.31 13.93
C LEU C 30 3.40 16.39 13.21
N ALA C 31 4.15 15.29 13.22
CA ALA C 31 5.44 15.23 12.54
C ALA C 31 5.29 15.53 11.04
N LEU C 32 4.29 14.93 10.41
CA LEU C 32 4.04 15.21 8.99
C LEU C 32 3.67 16.69 8.76
N VAL C 33 2.76 17.22 9.58
CA VAL C 33 2.36 18.62 9.48
C VAL C 33 3.58 19.53 9.69
N LYS C 34 4.43 19.18 10.64
CA LYS C 34 5.61 19.98 10.95
C LYS C 34 6.62 19.96 9.82
N HIS C 35 6.71 18.81 9.13
CA HIS C 35 7.59 18.71 7.97
C HIS C 35 7.16 19.68 6.87
N VAL C 36 5.89 19.54 6.46
CA VAL C 36 5.29 20.43 5.47
C VAL C 36 5.45 21.92 5.82
N GLN C 37 5.23 22.28 7.08
CA GLN C 37 5.42 23.65 7.52
C GLN C 37 6.88 24.10 7.35
N SER C 38 7.82 23.19 7.60
CA SER C 38 9.24 23.52 7.56
C SER C 38 9.68 23.83 6.13
N LYS C 39 8.93 23.33 5.16
CA LYS C 39 9.15 23.62 3.74
C LYS C 39 8.42 24.89 3.30
N GLY C 40 7.84 25.63 4.25
CA GLY C 40 7.21 26.90 3.92
C GLY C 40 5.69 26.87 3.72
N TYR C 41 5.05 25.76 4.09
CA TYR C 41 3.59 25.60 3.97
C TYR C 41 2.94 25.35 5.33
N PRO C 42 2.67 26.45 6.07
CA PRO C 42 2.21 26.39 7.46
C PRO C 42 0.77 25.88 7.61
N ASN C 43 0.49 25.26 8.76
CA ASN C 43 -0.79 24.62 9.00
C ASN C 43 -1.97 25.59 8.88
N GLU C 44 -1.77 26.82 9.28
CA GLU C 44 -2.86 27.81 9.25
C GLU C 44 -3.22 28.24 7.84
N ARG C 45 -2.32 28.00 6.86
CA ARG C 45 -2.61 28.35 5.46
C ARG C 45 -2.79 27.14 4.55
N PHE C 46 -2.28 25.98 4.97
CA PHE C 46 -2.31 24.79 4.12
C PHE C 46 -2.78 23.57 4.87
N GLU C 47 -3.50 22.70 4.15
CA GLU C 47 -4.02 21.48 4.72
C GLU C 47 -3.58 20.29 3.87
N LEU C 48 -3.71 19.09 4.43
CA LEU C 48 -3.23 17.87 3.77
C LEU C 48 -4.41 16.99 3.43
N LEU C 49 -4.47 16.52 2.18
CA LEU C 49 -5.52 15.61 1.77
C LEU C 49 -4.93 14.37 1.14
N THR C 50 -5.71 13.28 1.16
CA THR C 50 -5.33 12.05 0.48
C THR C 50 -6.50 11.67 -0.42
N ASN C 51 -6.23 10.99 -1.52
CA ASN C 51 -7.29 10.48 -2.40
C ASN C 51 -7.58 9.01 -2.13
N PHE C 52 -6.55 8.31 -1.66
CA PHE C 52 -6.64 6.88 -1.33
C PHE C 52 -6.15 6.64 0.10
N PRO C 53 -7.06 6.63 1.07
CA PRO C 53 -8.49 6.93 0.87
C PRO C 53 -8.76 8.44 0.80
N ARG C 54 -10.00 8.81 0.51
CA ARG C 54 -10.37 10.21 0.30
C ARG C 54 -10.57 10.90 1.65
N ARG C 55 -9.56 11.64 2.10
CA ARG C 55 -9.60 12.25 3.44
C ARG C 55 -9.02 13.66 3.49
N LYS C 56 -9.46 14.42 4.50
CA LYS C 56 -8.83 15.68 4.86
C LYS C 56 -8.19 15.49 6.24
N LEU C 57 -6.88 15.26 6.24
CA LEU C 57 -6.12 14.90 7.44
C LEU C 57 -6.08 16.02 8.48
N SER C 58 -6.23 17.25 8.02
CA SER C 58 -6.20 18.41 8.90
C SER C 58 -7.39 18.45 9.86
N HIS C 59 -8.40 17.65 9.57
CA HIS C 59 -9.58 17.55 10.43
C HIS C 59 -9.37 16.48 11.52
N LEU C 60 -8.17 15.91 11.54
CA LEU C 60 -7.79 14.94 12.57
C LEU C 60 -7.01 15.61 13.71
N ASP C 61 -7.07 15.00 14.89
CA ASP C 61 -6.20 15.37 15.99
C ASP C 61 -4.79 14.98 15.57
N TYR C 62 -3.87 15.94 15.53
CA TYR C 62 -2.50 15.67 15.10
C TYR C 62 -1.70 14.79 16.07
N ASP C 63 -2.23 14.62 17.29
CA ASP C 63 -1.63 13.76 18.30
C ASP C 63 -1.80 12.26 17.97
N ILE C 64 -2.63 11.97 16.98
CA ILE C 64 -2.76 10.60 16.47
C ILE C 64 -1.47 10.15 15.77
N THR C 65 -1.13 8.86 15.90
CA THR C 65 0.09 8.33 15.32
C THR C 65 -0.13 7.96 13.86
N MSE C 66 0.97 7.73 13.13
CA MSE C 66 0.87 7.36 11.70
C MSE C 66 0.06 6.08 11.49
O MSE C 66 -0.85 6.03 10.66
CB MSE C 66 2.27 7.22 11.07
CG MSE C 66 3.10 8.50 11.03
SE MSE C 66 2.38 9.92 9.88
CE MSE C 66 2.96 9.08 8.23
N GLN C 67 0.38 5.04 12.28
CA GLN C 67 -0.27 3.73 12.16
C GLN C 67 -1.77 3.78 12.52
N GLU C 68 -2.16 4.83 13.25
CA GLU C 68 -3.57 5.05 13.57
C GLU C 68 -4.22 6.06 12.62
N ALA C 69 -3.41 6.67 11.75
CA ALA C 69 -3.89 7.76 10.91
C ALA C 69 -4.75 7.33 9.72
N GLY C 70 -4.63 6.06 9.32
CA GLY C 70 -5.36 5.57 8.16
C GLY C 70 -4.71 5.94 6.83
N LEU C 71 -3.48 6.45 6.91
CA LEU C 71 -2.68 6.76 5.73
C LEU C 71 -2.17 5.46 5.11
N CYS C 72 -2.30 5.30 3.79
CA CYS C 72 -1.81 4.07 3.15
C CYS C 72 -0.43 4.26 2.57
N PRO C 73 0.46 3.26 2.75
CA PRO C 73 1.85 3.37 2.28
C PRO C 73 1.91 3.72 0.80
N GLN C 74 2.71 4.73 0.46
CA GLN C 74 3.00 5.19 -0.90
C GLN C 74 1.85 5.87 -1.65
N GLU C 75 0.77 6.20 -0.95
CA GLU C 75 -0.28 7.05 -1.52
C GLU C 75 0.12 8.50 -1.33
N THR C 76 -0.31 9.34 -2.25
CA THR C 76 0.07 10.75 -2.24
C THR C 76 -0.68 11.52 -1.15
N VAL C 77 0.03 12.36 -0.41
CA VAL C 77 -0.58 13.35 0.47
C VAL C 77 -0.47 14.70 -0.23
N PHE C 78 -1.63 15.31 -0.54
CA PHE C 78 -1.64 16.58 -1.27
C PHE C 78 -1.59 17.79 -0.29
N VAL C 79 -0.62 18.67 -0.49
CA VAL C 79 -0.55 19.94 0.25
C VAL C 79 -1.33 20.98 -0.54
N GLN C 80 -2.40 21.51 0.03
CA GLN C 80 -3.14 22.50 -0.71
C GLN C 80 -3.65 23.67 0.13
N GLU C 81 -3.68 24.84 -0.51
CA GLU C 81 -4.07 26.09 0.13
C GLU C 81 -5.52 25.99 0.58
N ARG C 82 -5.79 26.41 1.81
CA ARG C 82 -7.15 26.42 2.36
C ARG C 82 -8.03 27.44 1.64
#